data_9FDI
#
_entry.id   9FDI
#
_cell.length_a   52.792
_cell.length_b   74.768
_cell.length_c   68.609
_cell.angle_alpha   90.00
_cell.angle_beta   102.69
_cell.angle_gamma   90.00
#
_symmetry.space_group_name_H-M   'P 1 21 1'
#
loop_
_entity.id
_entity.type
_entity.pdbx_description
1 polymer 'Lysosomal acid glucosylceramidase'
2 branched 2-acetamido-2-deoxy-beta-D-glucopyranose-(1-4)-2-acetamido-2-deoxy-beta-D-glucopyranose-(1-4)-2-acetamido-2-deoxy-beta-D-glucopyranose
3 non-polymer 2-acetamido-2-deoxy-beta-D-glucopyranose
4 non-polymer 'POTASSIUM ION'
5 non-polymer 'SULFATE ION'
6 non-polymer 4-(phenylmethyl)piperidine
7 water water
#
_entity_poly.entity_id   1
_entity_poly.type   'polypeptide(L)'
_entity_poly.pdbx_seq_one_letter_code
;MEFSSPSREECPKPLSRVSIMAGSLTGLLLLQAVSWASGARPCIPKSFGYSSVVCVCNATYCDSFDPPTFPALGTFSRYE
STRSGRRMELSMGPIQANHTGTGLLLTLQPEQKFQKVKGFGGAMTDAAALNILALSPPAQNLLLKSYFSEEGIGYNIIRV
PMASCDFSIRTYTYADTPDDFQLHNFSLPEEDTKLKIPLIHRALQLAQRPVSLLASPWTSPTWLKTNGAVNGKGSLKGQP
GDIYHQTWARYFVKFLDAYAEHKLQFWAVTAENEPSAGLLSGYPFQCLGFTPEHQRDFIARDLGPTLANSTHHNVRLLML
DDQRLLLPHWAKVVLTDPEAAKYVHGIAVHWYLDFLAPAKATLGETHRLFPNTMLFASEACVGSKFWEQSVRLGSWDRGM
QYSHSIITNLLYHVVGWTDWNLALNPEGGPNWVRNFVDSPIIVDITKDTFYKQPMFYHLGHFSKFIPEGSQRVGLVASQK
NDLDAVALMHPDGSAVVVVLNRSSKDVPLTIKDPAVGFLETISPGYSIHTYLWRRQHHHHHHHHHH
;
_entity_poly.pdbx_strand_id   A
#
# COMPACT_ATOMS: atom_id res chain seq x y z
N ALA A 40 16.91 14.36 -12.66
CA ALA A 40 17.77 15.19 -11.75
C ALA A 40 19.06 14.43 -11.41
N ARG A 41 18.97 13.29 -10.71
CA ARG A 41 20.16 12.46 -10.47
C ARG A 41 19.84 11.01 -10.83
N PRO A 42 20.67 10.38 -11.67
CA PRO A 42 20.39 9.01 -12.08
C PRO A 42 20.73 7.93 -11.04
N CYS A 43 20.13 6.78 -11.25
CA CYS A 43 20.39 5.56 -10.48
C CYS A 43 21.89 5.25 -10.54
N ILE A 44 22.49 5.00 -9.37
CA ILE A 44 23.77 4.33 -9.24
CA ILE A 44 23.78 4.32 -9.35
C ILE A 44 23.50 2.85 -9.10
N PRO A 45 23.70 2.04 -10.13
CA PRO A 45 23.29 0.63 -10.04
C PRO A 45 24.32 -0.26 -9.33
N LYS A 46 23.83 -1.28 -8.62
CA LYS A 46 24.65 -2.31 -8.11
C LYS A 46 23.94 -3.67 -8.26
N SER A 47 24.70 -4.67 -8.67
CA SER A 47 24.23 -6.05 -8.74
C SER A 47 24.67 -6.84 -7.52
N PHE A 48 23.73 -7.66 -7.03
CA PHE A 48 23.98 -8.60 -5.97
C PHE A 48 23.80 -10.03 -6.49
N GLY A 49 23.74 -10.20 -7.81
CA GLY A 49 23.70 -11.53 -8.46
C GLY A 49 22.29 -12.00 -8.77
N TYR A 50 21.29 -11.17 -8.55
CA TYR A 50 19.91 -11.45 -8.94
C TYR A 50 19.70 -10.93 -10.37
N SER A 51 18.45 -10.93 -10.87
CA SER A 51 18.21 -10.71 -12.29
C SER A 51 18.44 -9.24 -12.67
N SER A 52 18.41 -8.31 -11.72
CA SER A 52 18.57 -6.91 -12.06
C SER A 52 19.35 -6.20 -10.94
N VAL A 53 19.30 -4.91 -10.94
CA VAL A 53 20.15 -4.08 -10.06
C VAL A 53 19.27 -3.39 -9.03
N VAL A 54 19.93 -2.98 -7.97
CA VAL A 54 19.39 -2.01 -7.04
C VAL A 54 20.00 -0.65 -7.35
N CYS A 55 19.35 0.39 -6.88
CA CYS A 55 19.96 1.71 -6.95
C CYS A 55 20.50 2.06 -5.55
N VAL A 56 21.72 2.53 -5.51
CA VAL A 56 22.41 2.71 -4.25
C VAL A 56 22.33 4.17 -3.85
N CYS A 57 21.87 4.39 -2.63
CA CYS A 57 21.79 5.74 -2.05
C CYS A 57 22.56 5.79 -0.72
N ASN A 58 23.01 6.97 -0.34
CA ASN A 58 23.84 7.08 0.84
C ASN A 58 23.72 8.51 1.37
N ALA A 59 24.66 8.94 2.17
CA ALA A 59 24.51 10.24 2.84
C ALA A 59 24.70 11.41 1.87
N THR A 60 25.30 11.19 0.70
CA THR A 60 25.62 12.29 -0.21
C THR A 60 24.96 12.10 -1.59
N TYR A 61 24.26 11.01 -1.82
CA TYR A 61 23.73 10.77 -3.15
C TYR A 61 22.48 9.89 -3.11
N CYS A 62 21.45 10.28 -3.85
CA CYS A 62 20.39 9.39 -4.14
C CYS A 62 19.77 9.79 -5.49
N ASP A 63 19.24 8.83 -6.22
CA ASP A 63 18.59 9.15 -7.47
C ASP A 63 17.32 9.93 -7.20
N SER A 64 17.02 10.85 -8.12
CA SER A 64 15.87 11.71 -7.92
C SER A 64 15.40 12.24 -9.25
N PHE A 65 14.17 12.69 -9.26
CA PHE A 65 13.61 13.32 -10.43
C PHE A 65 13.67 14.84 -10.38
N ASP A 66 13.53 15.47 -11.54
CA ASP A 66 13.26 16.89 -11.55
C ASP A 66 11.85 17.16 -11.01
N PRO A 67 11.55 18.41 -10.61
CA PRO A 67 10.16 18.71 -10.26
C PRO A 67 9.23 18.26 -11.40
N PRO A 68 8.09 17.68 -11.04
CA PRO A 68 7.18 17.15 -12.05
C PRO A 68 6.64 18.23 -13.00
N THR A 69 6.78 18.00 -14.29
CA THR A 69 6.20 18.85 -15.32
C THR A 69 5.63 17.96 -16.42
N PHE A 70 4.50 18.40 -16.97
CA PHE A 70 3.91 17.67 -18.07
C PHE A 70 4.59 17.99 -19.40
N PRO A 71 4.59 17.00 -20.31
CA PRO A 71 5.09 17.20 -21.66
C PRO A 71 4.27 18.29 -22.36
N ALA A 72 4.87 18.92 -23.36
CA ALA A 72 4.19 19.91 -24.19
C ALA A 72 2.90 19.32 -24.78
N LEU A 73 1.84 20.12 -24.89
CA LEU A 73 0.61 19.71 -25.62
C LEU A 73 1.03 19.13 -26.98
N GLY A 74 0.44 18.00 -27.37
CA GLY A 74 0.86 17.26 -28.58
C GLY A 74 2.12 16.41 -28.39
N THR A 75 2.60 16.33 -27.16
CA THR A 75 3.77 15.53 -26.78
C THR A 75 3.36 14.58 -25.62
N PHE A 76 3.96 13.42 -25.54
CA PHE A 76 3.78 12.55 -24.36
C PHE A 76 5.10 12.37 -23.63
N SER A 77 5.01 12.08 -22.33
CA SER A 77 6.16 11.62 -21.54
C SER A 77 6.08 10.10 -21.35
N ARG A 78 7.24 9.45 -21.44
CA ARG A 78 7.40 8.05 -21.15
C ARG A 78 8.45 7.88 -20.05
N TYR A 79 8.08 7.18 -18.98
CA TYR A 79 9.01 6.79 -17.93
C TYR A 79 9.20 5.27 -18.04
N GLU A 80 10.44 4.84 -18.16
CA GLU A 80 10.73 3.45 -18.48
C GLU A 80 11.67 2.86 -17.43
N SER A 81 11.30 1.69 -16.95
CA SER A 81 12.22 0.85 -16.15
C SER A 81 12.37 -0.50 -16.82
N THR A 82 13.58 -1.07 -16.79
CA THR A 82 13.83 -2.33 -17.46
C THR A 82 14.68 -3.24 -16.59
N ARG A 83 14.51 -4.54 -16.79
CA ARG A 83 15.38 -5.50 -16.10
C ARG A 83 16.86 -5.22 -16.44
N SER A 84 17.11 -4.80 -17.67
CA SER A 84 18.46 -4.47 -18.11
C SER A 84 19.07 -3.28 -17.35
N GLY A 85 18.28 -2.51 -16.62
CA GLY A 85 18.81 -1.57 -15.65
C GLY A 85 18.26 -0.16 -15.72
N ARG A 86 17.44 0.19 -16.71
CA ARG A 86 16.86 1.54 -16.72
C ARG A 86 15.91 1.69 -15.52
N ARG A 87 15.92 2.87 -14.88
CA ARG A 87 15.10 3.11 -13.68
C ARG A 87 14.36 4.43 -13.85
N MET A 88 13.09 4.30 -14.22
CA MET A 88 12.17 5.41 -14.43
C MET A 88 12.81 6.52 -15.28
N GLU A 89 13.47 6.12 -16.35
CA GLU A 89 14.09 7.08 -17.25
C GLU A 89 13.03 7.77 -18.13
N LEU A 90 13.19 9.09 -18.27
CA LEU A 90 12.27 9.97 -18.96
C LEU A 90 12.66 10.16 -20.42
N SER A 91 11.70 9.93 -21.29
CA SER A 91 11.81 10.31 -22.71
C SER A 91 10.48 10.92 -23.15
N MET A 92 10.51 11.63 -24.26
CA MET A 92 9.30 12.25 -24.79
C MET A 92 9.14 11.87 -26.26
N GLY A 93 7.89 11.87 -26.71
CA GLY A 93 7.57 11.60 -28.10
C GLY A 93 6.35 12.38 -28.55
N PRO A 94 6.10 12.39 -29.86
CA PRO A 94 4.96 13.09 -30.44
C PRO A 94 3.66 12.29 -30.37
N ILE A 95 2.57 13.01 -30.17
CA ILE A 95 1.27 12.43 -30.36
C ILE A 95 0.90 12.73 -31.80
N GLN A 96 0.58 11.69 -32.57
CA GLN A 96 0.45 11.85 -34.00
C GLN A 96 -1.01 11.82 -34.40
N ALA A 97 -1.33 12.50 -35.49
CA ALA A 97 -2.70 12.59 -35.96
C ALA A 97 -3.13 11.26 -36.59
N ASN A 98 -2.19 10.53 -37.17
CA ASN A 98 -2.47 9.43 -38.07
C ASN A 98 -1.86 8.13 -37.53
N HIS A 99 -2.47 6.99 -37.86
CA HIS A 99 -1.89 5.68 -37.60
C HIS A 99 -2.29 4.67 -38.68
N THR A 100 -1.31 3.91 -39.18
CA THR A 100 -1.56 2.82 -40.13
C THR A 100 -0.99 1.49 -39.60
N GLY A 101 -1.52 0.37 -40.06
CA GLY A 101 -0.94 -0.96 -39.73
C GLY A 101 -1.82 -1.79 -38.83
N THR A 102 -1.50 -3.08 -38.74
CA THR A 102 -2.30 -4.06 -38.00
C THR A 102 -1.53 -4.53 -36.76
N GLY A 103 -0.73 -3.64 -36.17
CA GLY A 103 -0.11 -3.91 -34.92
C GLY A 103 -1.08 -3.71 -33.75
N LEU A 104 -0.68 -4.15 -32.58
CA LEU A 104 -1.49 -4.00 -31.38
C LEU A 104 -1.84 -2.52 -31.18
N LEU A 105 -3.15 -2.26 -31.02
CA LEU A 105 -3.63 -0.94 -30.69
C LEU A 105 -4.35 -1.03 -29.34
N LEU A 106 -4.01 -0.15 -28.40
CA LEU A 106 -4.74 0.03 -27.11
C LEU A 106 -5.49 1.36 -27.21
N THR A 107 -6.83 1.29 -27.22
CA THR A 107 -7.59 2.50 -27.38
C THR A 107 -8.15 2.93 -26.01
N LEU A 108 -7.77 4.13 -25.58
CA LEU A 108 -8.31 4.75 -24.39
C LEU A 108 -9.82 4.93 -24.52
N GLN A 109 -10.52 4.67 -23.42
CA GLN A 109 -11.96 4.82 -23.29
C GLN A 109 -12.19 5.87 -22.21
N PRO A 110 -11.90 7.11 -22.51
CA PRO A 110 -11.88 8.13 -21.46
C PRO A 110 -13.26 8.35 -20.82
N GLU A 111 -14.37 8.02 -21.47
CA GLU A 111 -15.69 8.23 -20.91
C GLU A 111 -16.21 6.97 -20.23
N GLN A 112 -15.47 5.87 -20.32
CA GLN A 112 -15.85 4.65 -19.60
C GLN A 112 -15.12 4.72 -18.26
N LYS A 113 -15.83 5.13 -17.22
CA LYS A 113 -15.22 5.47 -15.95
C LYS A 113 -15.46 4.39 -14.90
N PHE A 114 -14.44 4.12 -14.15
CA PHE A 114 -14.51 3.12 -13.08
C PHE A 114 -14.22 3.80 -11.74
N GLN A 115 -13.38 3.23 -10.90
CA GLN A 115 -13.21 3.75 -9.52
C GLN A 115 -12.33 5.00 -9.46
N LYS A 116 -12.56 5.83 -8.44
CA LYS A 116 -11.63 6.89 -8.10
C LYS A 116 -10.57 6.33 -7.13
N VAL A 117 -9.35 6.80 -7.31
CA VAL A 117 -8.20 6.30 -6.59
C VAL A 117 -7.94 7.15 -5.33
N LYS A 118 -7.75 6.46 -4.23
CA LYS A 118 -7.38 7.08 -2.98
C LYS A 118 -5.85 7.36 -2.96
N GLY A 119 -5.10 6.33 -3.32
CA GLY A 119 -3.65 6.49 -3.54
C GLY A 119 -2.85 5.26 -3.18
N PHE A 120 -1.58 5.54 -2.83
CA PHE A 120 -0.50 4.54 -2.69
C PHE A 120 0.40 4.93 -1.52
N GLY A 121 0.88 3.92 -0.84
CA GLY A 121 1.88 4.18 0.21
C GLY A 121 2.41 2.91 0.82
N GLY A 122 2.78 3.01 2.10
CA GLY A 122 3.38 1.90 2.80
C GLY A 122 3.25 2.06 4.32
N ALA A 123 3.84 1.11 5.05
CA ALA A 123 3.59 1.03 6.51
C ALA A 123 4.79 1.52 7.35
N MET A 124 4.49 2.42 8.26
CA MET A 124 5.47 2.88 9.26
C MET A 124 5.39 1.97 10.49
N THR A 125 5.91 0.77 10.34
CA THR A 125 6.07 -0.18 11.43
C THR A 125 7.23 0.24 12.34
N ASP A 126 7.29 -0.35 13.52
CA ASP A 126 8.43 -0.16 14.38
C ASP A 126 9.72 -0.54 13.63
N ALA A 127 9.70 -1.66 12.90
CA ALA A 127 10.89 -2.11 12.14
C ALA A 127 11.30 -1.04 11.11
N ALA A 128 10.35 -0.51 10.36
CA ALA A 128 10.66 0.50 9.37
C ALA A 128 11.26 1.74 10.03
N ALA A 129 10.66 2.17 11.11
CA ALA A 129 11.11 3.35 11.80
C ALA A 129 12.53 3.15 12.34
N LEU A 130 12.78 2.00 12.96
CA LEU A 130 14.11 1.70 13.52
C LEU A 130 15.18 1.69 12.42
N ASN A 131 14.82 1.14 11.28
CA ASN A 131 15.76 1.05 10.17
C ASN A 131 16.03 2.44 9.61
N ILE A 132 14.99 3.23 9.39
CA ILE A 132 15.20 4.57 8.85
C ILE A 132 16.07 5.38 9.82
N LEU A 133 15.75 5.32 11.12
CA LEU A 133 16.45 6.17 12.08
C LEU A 133 17.87 5.67 12.38
N ALA A 134 18.23 4.45 11.94
CA ALA A 134 19.60 3.95 12.09
C ALA A 134 20.53 4.54 11.02
N LEU A 135 19.98 5.13 9.98
CA LEU A 135 20.76 5.85 8.97
C LEU A 135 21.17 7.22 9.53
N SER A 136 22.24 7.77 8.98
CA SER A 136 22.63 9.17 9.29
C SER A 136 21.48 10.13 8.89
N PRO A 137 21.38 11.28 9.57
CA PRO A 137 20.37 12.31 9.16
C PRO A 137 20.27 12.59 7.66
N PRO A 138 21.38 12.80 6.95
CA PRO A 138 21.24 12.97 5.52
C PRO A 138 20.66 11.77 4.77
N ALA A 139 21.15 10.58 5.06
CA ALA A 139 20.57 9.42 4.40
C ALA A 139 19.08 9.23 4.77
N GLN A 140 18.70 9.53 6.02
CA GLN A 140 17.29 9.45 6.42
C GLN A 140 16.44 10.36 5.52
N ASN A 141 16.95 11.56 5.31
CA ASN A 141 16.23 12.55 4.51
C ASN A 141 16.10 12.06 3.07
N LEU A 142 17.16 11.49 2.50
CA LEU A 142 17.09 11.04 1.12
C LEU A 142 16.13 9.86 0.97
N LEU A 143 16.04 9.04 2.01
CA LEU A 143 15.13 7.91 1.97
C LEU A 143 13.68 8.43 2.05
N LEU A 144 13.42 9.32 3.00
CA LEU A 144 12.06 9.85 3.09
C LEU A 144 11.68 10.65 1.83
N LYS A 145 12.62 11.38 1.24
CA LYS A 145 12.33 12.09 -0.01
C LYS A 145 12.02 11.09 -1.14
N SER A 146 12.70 9.95 -1.14
CA SER A 146 12.50 8.96 -2.20
C SER A 146 11.03 8.55 -2.25
N TYR A 147 10.42 8.39 -1.06
CA TYR A 147 9.06 7.96 -1.00
C TYR A 147 8.07 9.13 -1.03
N PHE A 148 8.33 10.22 -0.34
CA PHE A 148 7.27 11.20 -0.03
C PHE A 148 7.39 12.53 -0.77
N SER A 149 8.46 12.80 -1.47
CA SER A 149 8.55 14.04 -2.20
C SER A 149 8.17 13.82 -3.67
N GLU A 150 7.88 14.92 -4.36
CA GLU A 150 7.64 14.90 -5.81
C GLU A 150 8.93 14.68 -6.60
N GLU A 151 10.09 14.82 -5.98
CA GLU A 151 11.36 14.40 -6.62
C GLU A 151 11.63 12.91 -6.33
N GLY A 152 10.72 12.27 -5.59
CA GLY A 152 10.63 10.82 -5.44
C GLY A 152 9.33 10.32 -6.02
N ILE A 153 8.69 9.36 -5.36
CA ILE A 153 7.58 8.64 -6.02
C ILE A 153 6.22 9.03 -5.43
N GLY A 154 6.15 10.06 -4.60
CA GLY A 154 4.85 10.71 -4.33
C GLY A 154 3.89 9.90 -3.49
N TYR A 155 4.34 9.07 -2.57
CA TYR A 155 3.42 8.35 -1.67
C TYR A 155 2.46 9.31 -0.95
N ASN A 156 1.20 8.87 -0.79
CA ASN A 156 0.24 9.72 -0.07
C ASN A 156 -0.55 8.91 0.98
N ILE A 157 -0.11 7.70 1.31
CA ILE A 157 -0.73 6.89 2.37
C ILE A 157 0.37 6.35 3.28
N ILE A 158 0.15 6.47 4.58
CA ILE A 158 0.98 5.78 5.54
C ILE A 158 0.09 4.93 6.45
N ARG A 159 0.36 3.64 6.52
CA ARG A 159 -0.32 2.76 7.47
C ARG A 159 0.48 2.73 8.78
N VAL A 160 -0.23 2.91 9.87
CA VAL A 160 0.35 3.01 11.21
C VAL A 160 -0.22 1.91 12.08
N PRO A 161 0.58 0.94 12.50
CA PRO A 161 0.12 -0.02 13.49
C PRO A 161 -0.26 0.67 14.81
N MET A 162 -1.35 0.20 15.39
CA MET A 162 -1.73 0.57 16.75
C MET A 162 -1.02 -0.38 17.71
N ALA A 163 0.11 0.11 18.25
CA ALA A 163 1.03 -0.57 19.15
C ALA A 163 1.77 -1.68 18.39
N SER A 164 2.13 -2.77 19.05
CA SER A 164 3.15 -3.68 18.49
C SER A 164 2.55 -4.68 17.50
N CYS A 165 3.42 -5.10 16.60
CA CYS A 165 3.13 -6.21 15.68
C CYS A 165 4.35 -7.12 15.55
N ASP A 166 4.38 -7.97 14.53
CA ASP A 166 5.57 -8.85 14.36
C ASP A 166 6.80 -8.04 14.00
N PHE A 167 6.59 -6.98 13.22
CA PHE A 167 7.66 -6.04 12.83
C PHE A 167 7.84 -4.99 13.94
N SER A 168 8.08 -5.54 15.14
CA SER A 168 8.39 -4.82 16.37
C SER A 168 9.48 -5.63 17.09
N ILE A 169 10.23 -4.99 17.97
CA ILE A 169 11.24 -5.72 18.71
C ILE A 169 10.81 -5.88 20.16
N ARG A 170 9.73 -5.19 20.54
CA ARG A 170 9.17 -5.24 21.87
C ARG A 170 7.69 -5.55 21.71
N THR A 171 7.13 -6.34 22.61
CA THR A 171 5.71 -6.60 22.62
C THR A 171 5.10 -5.67 23.67
N TYR A 172 4.14 -4.88 23.22
CA TYR A 172 3.47 -3.91 24.12
C TYR A 172 2.12 -3.55 23.49
N THR A 173 1.21 -3.09 24.34
CA THR A 173 0.02 -2.36 23.89
C THR A 173 0.07 -0.98 24.55
N TYR A 174 -0.90 -0.14 24.23
CA TYR A 174 -1.00 1.19 24.85
C TYR A 174 -1.65 1.13 26.24
N ALA A 175 -2.18 -0.02 26.67
CA ALA A 175 -2.87 -0.09 27.96
C ALA A 175 -2.57 -1.42 28.64
N ASP A 176 -1.30 -1.65 29.00
CA ASP A 176 -0.89 -2.91 29.59
C ASP A 176 -1.18 -3.01 31.08
N THR A 177 -1.50 -1.91 31.76
CA THR A 177 -1.93 -2.00 33.17
C THR A 177 -3.25 -2.75 33.25
N PRO A 178 -3.30 -3.88 33.98
CA PRO A 178 -4.48 -4.72 34.01
C PRO A 178 -5.76 -4.09 34.58
N ASP A 179 -6.88 -4.48 33.97
CA ASP A 179 -8.21 -4.15 34.42
C ASP A 179 -8.53 -2.65 34.40
N ASP A 180 -7.80 -1.93 33.55
CA ASP A 180 -8.00 -0.49 33.38
C ASP A 180 -9.11 -0.22 32.36
N PHE A 181 -10.34 -0.56 32.70
CA PHE A 181 -11.45 -0.53 31.73
C PHE A 181 -11.75 0.91 31.27
N GLN A 182 -11.52 1.90 32.12
CA GLN A 182 -11.74 3.31 31.70
C GLN A 182 -10.52 3.84 30.92
N LEU A 183 -9.47 3.03 30.80
CA LEU A 183 -8.22 3.39 30.06
C LEU A 183 -7.57 4.68 30.58
N HIS A 184 -7.56 4.86 31.90
CA HIS A 184 -6.88 5.99 32.51
C HIS A 184 -5.37 5.95 32.26
N ASN A 185 -4.79 4.75 32.11
CA ASN A 185 -3.33 4.59 31.93
C ASN A 185 -3.01 4.33 30.46
N PHE A 186 -3.93 4.63 29.54
CA PHE A 186 -3.61 4.61 28.12
C PHE A 186 -2.54 5.65 27.84
N SER A 187 -1.46 5.25 27.18
CA SER A 187 -0.46 6.22 26.76
C SER A 187 0.37 5.64 25.63
N LEU A 188 0.91 6.56 24.83
CA LEU A 188 1.83 6.20 23.77
C LEU A 188 3.24 6.07 24.33
N PRO A 189 3.92 4.96 24.02
CA PRO A 189 5.32 4.80 24.38
C PRO A 189 6.25 5.47 23.36
N GLU A 190 7.54 5.39 23.64
CA GLU A 190 8.54 6.01 22.79
C GLU A 190 8.49 5.43 21.37
N GLU A 191 8.05 4.19 21.16
CA GLU A 191 7.97 3.68 19.76
C GLU A 191 7.11 4.64 18.92
N ASP A 192 6.09 5.20 19.54
CA ASP A 192 5.26 6.20 18.82
C ASP A 192 5.86 7.60 18.95
N THR A 193 6.19 8.03 20.17
CA THR A 193 6.47 9.47 20.39
C THR A 193 7.89 9.84 19.92
N LYS A 194 8.83 8.90 19.89
CA LYS A 194 10.19 9.19 19.48
C LYS A 194 10.53 8.63 18.09
N LEU A 195 9.82 7.62 17.60
CA LEU A 195 10.17 6.96 16.35
C LEU A 195 9.09 7.25 15.30
N LYS A 196 7.89 6.70 15.47
CA LYS A 196 6.94 6.72 14.39
C LYS A 196 6.40 8.14 14.14
N ILE A 197 6.00 8.83 15.20
CA ILE A 197 5.36 10.14 15.03
C ILE A 197 6.32 11.15 14.42
N PRO A 198 7.50 11.31 14.97
CA PRO A 198 8.45 12.23 14.30
C PRO A 198 8.72 11.92 12.82
N LEU A 199 8.84 10.64 12.46
CA LEU A 199 9.05 10.28 11.07
C LEU A 199 7.82 10.62 10.22
N ILE A 200 6.60 10.39 10.75
CA ILE A 200 5.42 10.72 9.97
C ILE A 200 5.39 12.24 9.72
N HIS A 201 5.71 13.02 10.76
CA HIS A 201 5.75 14.48 10.59
C HIS A 201 6.77 14.86 9.52
N ARG A 202 7.93 14.19 9.51
CA ARG A 202 8.93 14.51 8.49
C ARG A 202 8.41 14.16 7.09
N ALA A 203 7.74 13.02 6.95
CA ALA A 203 7.18 12.63 5.65
C ALA A 203 6.18 13.70 5.20
N LEU A 204 5.33 14.15 6.11
CA LEU A 204 4.29 15.15 5.78
C LEU A 204 4.93 16.46 5.32
N GLN A 205 6.06 16.88 5.91
CA GLN A 205 6.70 18.11 5.56
C GLN A 205 7.28 18.01 4.14
N LEU A 206 7.71 16.82 3.74
CA LEU A 206 8.32 16.64 2.40
C LEU A 206 7.25 16.54 1.30
N ALA A 207 6.07 16.08 1.65
CA ALA A 207 5.03 15.84 0.68
C ALA A 207 4.34 17.14 0.26
N GLN A 208 4.05 17.24 -1.02
CA GLN A 208 3.18 18.31 -1.53
C GLN A 208 1.74 17.78 -1.58
N ARG A 209 1.58 16.50 -1.87
CA ARG A 209 0.25 15.84 -1.84
C ARG A 209 -0.23 15.68 -0.40
N PRO A 210 -1.50 15.91 -0.15
CA PRO A 210 -2.05 15.55 1.15
C PRO A 210 -1.85 14.06 1.46
N VAL A 211 -1.40 13.76 2.68
CA VAL A 211 -1.07 12.40 3.06
C VAL A 211 -2.18 11.91 3.99
N SER A 212 -2.65 10.69 3.74
CA SER A 212 -3.70 10.06 4.49
C SER A 212 -3.07 8.96 5.35
N LEU A 213 -3.46 8.94 6.62
CA LEU A 213 -3.00 7.92 7.55
C LEU A 213 -4.11 6.87 7.76
N LEU A 214 -3.68 5.62 7.86
CA LEU A 214 -4.55 4.49 8.12
C LEU A 214 -4.02 3.73 9.34
N ALA A 215 -4.85 3.47 10.35
CA ALA A 215 -4.44 2.78 11.57
C ALA A 215 -5.04 1.38 11.63
N SER A 216 -4.26 0.41 12.15
CA SER A 216 -4.70 -0.97 12.26
C SER A 216 -4.12 -1.55 13.54
N PRO A 217 -4.94 -2.16 14.41
CA PRO A 217 -4.39 -2.87 15.57
C PRO A 217 -4.11 -4.37 15.31
N TRP A 218 -3.10 -4.93 15.96
CA TRP A 218 -2.86 -6.38 15.91
C TRP A 218 -3.46 -7.07 17.13
N THR A 219 -3.18 -6.58 18.33
CA THR A 219 -3.74 -7.20 19.52
C THR A 219 -4.25 -6.10 20.44
N SER A 220 -5.20 -6.49 21.27
CA SER A 220 -5.64 -5.69 22.40
C SER A 220 -4.75 -5.99 23.60
N PRO A 221 -4.84 -5.16 24.67
CA PRO A 221 -4.29 -5.58 25.92
C PRO A 221 -4.72 -7.01 26.30
N THR A 222 -3.82 -7.76 26.93
CA THR A 222 -4.04 -9.18 27.17
C THR A 222 -5.18 -9.39 28.19
N TRP A 223 -5.44 -8.41 29.06
CA TRP A 223 -6.45 -8.58 30.09
C TRP A 223 -7.86 -8.43 29.47
N LEU A 224 -7.94 -8.08 28.19
CA LEU A 224 -9.23 -8.09 27.45
C LEU A 224 -9.45 -9.41 26.69
N LYS A 225 -8.48 -10.33 26.73
CA LYS A 225 -8.50 -11.47 25.81
C LYS A 225 -8.68 -12.80 26.54
N THR A 226 -9.38 -13.71 25.85
CA THR A 226 -9.74 -15.02 26.41
C THR A 226 -8.50 -15.84 26.77
N ASN A 227 -7.36 -15.60 26.11
CA ASN A 227 -6.16 -16.41 26.32
C ASN A 227 -5.10 -15.67 27.17
N GLY A 228 -5.30 -14.39 27.46
CA GLY A 228 -4.41 -13.65 28.33
C GLY A 228 -3.00 -13.54 27.75
N ALA A 229 -2.87 -13.56 26.43
CA ALA A 229 -1.56 -13.48 25.75
C ALA A 229 -1.70 -12.62 24.49
N VAL A 230 -0.59 -12.04 24.02
CA VAL A 230 -0.68 -11.18 22.83
C VAL A 230 -0.86 -12.05 21.59
N ASN A 231 -0.41 -13.29 21.64
CA ASN A 231 -0.41 -14.17 20.46
C ASN A 231 -1.25 -15.40 20.80
N GLY A 232 -1.16 -16.43 19.98
CA GLY A 232 -1.98 -17.62 20.16
C GLY A 232 -3.42 -17.37 19.74
N LYS A 233 -4.20 -18.43 19.84
CA LYS A 233 -5.62 -18.36 19.56
C LYS A 233 -6.32 -17.62 20.71
N GLY A 234 -6.94 -16.50 20.39
CA GLY A 234 -7.64 -15.74 21.41
C GLY A 234 -8.42 -14.59 20.81
N SER A 235 -9.50 -14.27 21.49
CA SER A 235 -10.40 -13.22 21.05
C SER A 235 -10.72 -12.33 22.25
N LEU A 236 -11.45 -11.25 22.03
CA LEU A 236 -11.98 -10.51 23.17
C LEU A 236 -12.88 -11.41 24.02
N LYS A 237 -12.82 -11.19 25.32
CA LYS A 237 -13.70 -11.85 26.26
C LYS A 237 -15.13 -11.33 26.07
N GLY A 238 -16.07 -12.17 26.48
CA GLY A 238 -17.48 -11.83 26.45
C GLY A 238 -18.02 -11.72 25.04
N GLN A 239 -18.86 -10.73 24.82
CA GLN A 239 -19.58 -10.61 23.56
C GLN A 239 -19.73 -9.13 23.24
N PRO A 240 -19.82 -8.80 21.94
CA PRO A 240 -20.07 -7.42 21.56
C PRO A 240 -21.20 -6.80 22.40
N GLY A 241 -20.94 -5.54 22.78
CA GLY A 241 -21.86 -4.75 23.57
C GLY A 241 -21.52 -4.78 25.05
N ASP A 242 -20.57 -5.61 25.46
CA ASP A 242 -20.23 -5.69 26.89
C ASP A 242 -18.98 -4.84 27.23
N ILE A 243 -18.57 -4.85 28.49
CA ILE A 243 -17.49 -3.95 28.97
C ILE A 243 -16.19 -4.22 28.21
N TYR A 244 -15.90 -5.48 27.89
CA TYR A 244 -14.62 -5.77 27.23
C TYR A 244 -14.58 -5.15 25.82
N HIS A 245 -15.68 -5.31 25.11
CA HIS A 245 -15.78 -4.80 23.74
C HIS A 245 -15.91 -3.29 23.75
N GLN A 246 -16.62 -2.74 24.74
CA GLN A 246 -16.72 -1.28 24.84
C GLN A 246 -15.36 -0.68 25.16
N THR A 247 -14.59 -1.35 26.01
CA THR A 247 -13.24 -0.88 26.34
C THR A 247 -12.38 -0.91 25.08
N TRP A 248 -12.47 -1.98 24.32
CA TRP A 248 -11.67 -2.11 23.11
C TRP A 248 -12.05 -1.01 22.11
N ALA A 249 -13.34 -0.74 21.89
CA ALA A 249 -13.74 0.35 21.00
C ALA A 249 -13.19 1.69 21.54
N ARG A 250 -13.26 1.89 22.84
CA ARG A 250 -12.79 3.14 23.42
C ARG A 250 -11.27 3.28 23.21
N TYR A 251 -10.54 2.16 23.14
CA TYR A 251 -9.11 2.21 22.91
C TYR A 251 -8.81 2.81 21.55
N PHE A 252 -9.64 2.53 20.56
CA PHE A 252 -9.45 3.17 19.26
C PHE A 252 -9.58 4.69 19.39
N VAL A 253 -10.57 5.17 20.12
CA VAL A 253 -10.74 6.63 20.27
C VAL A 253 -9.56 7.23 21.07
N LYS A 254 -9.07 6.55 22.10
CA LYS A 254 -7.90 7.00 22.87
C LYS A 254 -6.68 7.11 21.96
N PHE A 255 -6.51 6.13 21.08
CA PHE A 255 -5.39 6.17 20.11
C PHE A 255 -5.53 7.41 19.22
N LEU A 256 -6.72 7.62 18.68
CA LEU A 256 -6.91 8.76 17.77
C LEU A 256 -6.73 10.07 18.56
N ASP A 257 -7.22 10.14 19.78
CA ASP A 257 -7.00 11.31 20.60
C ASP A 257 -5.52 11.58 20.84
N ALA A 258 -4.77 10.51 21.11
CA ALA A 258 -3.34 10.63 21.43
C ALA A 258 -2.57 11.11 20.21
N TYR A 259 -2.85 10.55 19.03
CA TYR A 259 -2.18 11.00 17.80
C TYR A 259 -2.61 12.45 17.50
N ALA A 260 -3.88 12.80 17.75
CA ALA A 260 -4.37 14.18 17.51
C ALA A 260 -3.60 15.19 18.40
N GLU A 261 -3.21 14.82 19.62
CA GLU A 261 -2.40 15.71 20.48
C GLU A 261 -1.03 15.98 19.83
N HIS A 262 -0.57 15.02 19.02
CA HIS A 262 0.65 15.22 18.20
C HIS A 262 0.33 15.81 16.82
N LYS A 263 -0.88 16.32 16.62
CA LYS A 263 -1.31 17.02 15.39
C LYS A 263 -1.33 16.06 14.18
N LEU A 264 -1.67 14.78 14.41
CA LEU A 264 -1.86 13.84 13.30
C LEU A 264 -3.31 13.34 13.33
N GLN A 265 -3.98 13.45 12.20
CA GLN A 265 -5.36 12.99 12.04
C GLN A 265 -5.37 11.81 11.07
N PHE A 266 -6.30 10.90 11.27
CA PHE A 266 -6.39 9.71 10.43
C PHE A 266 -7.52 9.81 9.41
N TRP A 267 -7.26 9.21 8.26
CA TRP A 267 -8.25 9.08 7.19
C TRP A 267 -9.15 7.87 7.49
N ALA A 268 -8.53 6.78 7.92
CA ALA A 268 -9.30 5.53 8.15
C ALA A 268 -8.64 4.70 9.25
N VAL A 269 -9.45 3.82 9.86
CA VAL A 269 -8.96 2.75 10.71
C VAL A 269 -9.51 1.43 10.17
N THR A 270 -8.81 0.34 10.43
CA THR A 270 -9.39 -0.97 10.19
C THR A 270 -9.85 -1.56 11.51
N ALA A 271 -10.82 -2.46 11.40
CA ALA A 271 -11.47 -3.02 12.58
C ALA A 271 -10.59 -4.03 13.30
N GLU A 272 -9.51 -4.50 12.67
CA GLU A 272 -8.54 -5.44 13.21
C GLU A 272 -7.61 -5.89 12.07
N ASN A 273 -6.31 -5.91 12.29
CA ASN A 273 -5.45 -6.53 11.31
C ASN A 273 -5.65 -8.05 11.34
N GLU A 274 -5.96 -8.62 10.17
CA GLU A 274 -6.05 -10.06 9.97
C GLU A 274 -6.82 -10.76 11.09
N PRO A 275 -8.10 -10.42 11.22
CA PRO A 275 -8.93 -11.02 12.27
C PRO A 275 -9.00 -12.55 12.22
N SER A 276 -8.85 -13.15 11.04
CA SER A 276 -8.86 -14.60 10.94
C SER A 276 -7.67 -15.22 11.67
N ALA A 277 -6.54 -14.51 11.81
CA ALA A 277 -5.31 -15.13 12.38
C ALA A 277 -5.51 -15.55 13.84
N GLY A 278 -6.23 -14.74 14.60
CA GLY A 278 -6.42 -15.02 16.02
C GLY A 278 -7.40 -16.18 16.28
N LEU A 279 -7.97 -16.77 15.21
CA LEU A 279 -8.80 -17.97 15.37
C LEU A 279 -7.93 -19.23 15.27
N LEU A 280 -6.63 -19.10 15.00
CA LEU A 280 -5.76 -20.25 14.70
C LEU A 280 -4.92 -20.65 15.92
N SER A 281 -5.02 -21.93 16.28
CA SER A 281 -4.20 -22.47 17.35
C SER A 281 -2.73 -22.19 17.07
N GLY A 282 -2.01 -21.70 18.08
CA GLY A 282 -0.55 -21.47 17.98
C GLY A 282 -0.15 -20.26 17.14
N TYR A 283 -1.05 -19.33 16.82
CA TYR A 283 -0.63 -18.22 15.99
C TYR A 283 0.56 -17.52 16.65
N PRO A 284 1.69 -17.38 15.90
CA PRO A 284 2.92 -16.97 16.54
C PRO A 284 3.06 -15.52 17.06
N PHE A 285 2.32 -14.57 16.53
CA PHE A 285 2.54 -13.19 16.99
C PHE A 285 1.22 -12.48 17.25
N GLN A 286 1.29 -11.18 17.47
CA GLN A 286 0.14 -10.40 17.97
C GLN A 286 -1.05 -10.59 17.05
N CYS A 287 -2.21 -10.93 17.64
CA CYS A 287 -3.41 -11.13 16.89
C CYS A 287 -4.61 -10.98 17.82
N LEU A 288 -5.79 -10.90 17.23
CA LEU A 288 -7.03 -10.87 17.99
C LEU A 288 -8.12 -11.44 17.07
N GLY A 289 -8.65 -12.57 17.45
CA GLY A 289 -9.45 -13.35 16.52
C GLY A 289 -10.90 -12.88 16.48
N PHE A 290 -11.42 -12.68 15.27
CA PHE A 290 -12.85 -12.45 15.08
C PHE A 290 -13.37 -13.33 13.94
N THR A 291 -14.44 -14.06 14.18
CA THR A 291 -15.24 -14.60 13.06
C THR A 291 -15.92 -13.43 12.34
N PRO A 292 -16.40 -13.65 11.12
CA PRO A 292 -17.10 -12.54 10.48
C PRO A 292 -18.33 -12.08 11.29
N GLU A 293 -19.05 -13.00 11.94
CA GLU A 293 -20.19 -12.63 12.75
C GLU A 293 -19.74 -11.77 13.95
N HIS A 294 -18.61 -12.13 14.56
CA HIS A 294 -18.06 -11.36 15.68
C HIS A 294 -17.67 -9.95 15.23
N GLN A 295 -17.01 -9.86 14.08
CA GLN A 295 -16.66 -8.53 13.57
C GLN A 295 -17.91 -7.72 13.26
N ARG A 296 -18.90 -8.36 12.64
CA ARG A 296 -20.16 -7.70 12.32
C ARG A 296 -20.75 -7.06 13.58
N ASP A 297 -20.88 -7.86 14.62
CA ASP A 297 -21.51 -7.38 15.85
C ASP A 297 -20.65 -6.41 16.63
N PHE A 298 -19.33 -6.57 16.58
CA PHE A 298 -18.43 -5.61 17.21
C PHE A 298 -18.56 -4.25 16.53
N ILE A 299 -18.62 -4.26 15.20
CA ILE A 299 -18.76 -3.01 14.46
C ILE A 299 -20.11 -2.38 14.80
N ALA A 300 -21.17 -3.16 14.74
CA ALA A 300 -22.54 -2.64 14.91
C ALA A 300 -22.78 -2.11 16.32
N ARG A 301 -22.27 -2.81 17.34
CA ARG A 301 -22.66 -2.54 18.71
C ARG A 301 -21.63 -1.65 19.43
N ASP A 302 -20.37 -1.73 19.03
CA ASP A 302 -19.29 -1.08 19.78
C ASP A 302 -18.47 -0.10 18.95
N LEU A 303 -17.76 -0.56 17.93
CA LEU A 303 -16.79 0.30 17.28
C LEU A 303 -17.49 1.40 16.45
N GLY A 304 -18.50 1.04 15.68
CA GLY A 304 -19.19 2.03 14.84
C GLY A 304 -19.77 3.15 15.69
N PRO A 305 -20.64 2.81 16.64
CA PRO A 305 -21.23 3.80 17.56
C PRO A 305 -20.18 4.63 18.31
N THR A 306 -19.11 4.00 18.77
CA THR A 306 -18.12 4.72 19.57
C THR A 306 -17.38 5.74 18.68
N LEU A 307 -16.99 5.34 17.49
CA LEU A 307 -16.32 6.30 16.58
C LEU A 307 -17.27 7.42 16.20
N ALA A 308 -18.51 7.05 15.91
CA ALA A 308 -19.51 8.02 15.40
C ALA A 308 -19.85 9.07 16.46
N ASN A 309 -19.75 8.70 17.73
CA ASN A 309 -20.05 9.60 18.84
C ASN A 309 -18.79 10.35 19.32
N SER A 310 -17.69 10.26 18.59
CA SER A 310 -16.45 10.90 19.03
C SER A 310 -16.14 12.08 18.11
N THR A 311 -15.14 12.87 18.49
CA THR A 311 -14.66 13.96 17.62
C THR A 311 -14.03 13.39 16.34
N HIS A 312 -13.77 12.08 16.30
CA HIS A 312 -13.17 11.43 15.16
C HIS A 312 -14.23 10.78 14.24
N HIS A 313 -15.48 11.23 14.30
CA HIS A 313 -16.53 10.60 13.50
C HIS A 313 -16.24 10.63 11.99
N ASN A 314 -15.36 11.51 11.51
CA ASN A 314 -15.06 11.61 10.07
C ASN A 314 -14.08 10.52 9.64
N VAL A 315 -13.45 9.86 10.60
CA VAL A 315 -12.52 8.78 10.29
C VAL A 315 -13.32 7.62 9.69
N ARG A 316 -12.86 7.07 8.58
CA ARG A 316 -13.55 5.99 7.92
C ARG A 316 -13.17 4.65 8.57
N LEU A 317 -14.11 3.72 8.56
CA LEU A 317 -13.90 2.38 9.09
C LEU A 317 -13.85 1.37 7.94
N LEU A 318 -12.76 0.58 7.87
CA LEU A 318 -12.62 -0.46 6.88
C LEU A 318 -12.71 -1.80 7.59
N MET A 319 -13.48 -2.71 7.02
CA MET A 319 -13.61 -4.07 7.55
C MET A 319 -12.60 -5.00 6.86
N LEU A 320 -12.53 -6.23 7.40
CA LEU A 320 -11.75 -7.36 6.90
C LEU A 320 -10.26 -7.17 7.20
N ASP A 321 -9.51 -6.39 6.41
CA ASP A 321 -8.06 -6.21 6.60
C ASP A 321 -7.37 -7.55 6.64
N ASP A 322 -7.65 -8.38 5.62
CA ASP A 322 -7.25 -9.75 5.61
C ASP A 322 -7.22 -10.25 4.15
N GLN A 323 -6.91 -11.51 4.00
CA GLN A 323 -6.66 -12.12 2.69
C GLN A 323 -7.95 -12.27 1.88
N ARG A 324 -7.81 -12.24 0.56
CA ARG A 324 -8.97 -12.14 -0.32
C ARG A 324 -9.83 -13.41 -0.34
N LEU A 325 -9.34 -14.62 0.01
CA LEU A 325 -10.19 -15.81 -0.04
C LEU A 325 -11.30 -15.74 1.03
N LEU A 326 -11.22 -14.75 1.93
CA LEU A 326 -12.32 -14.56 2.89
C LEU A 326 -13.50 -13.83 2.24
N LEU A 327 -13.33 -13.34 1.02
CA LEU A 327 -14.39 -12.65 0.25
C LEU A 327 -14.94 -13.60 -0.81
N PRO A 328 -16.22 -13.50 -1.11
CA PRO A 328 -17.15 -12.46 -0.64
C PRO A 328 -17.82 -12.75 0.71
N HIS A 329 -17.58 -13.93 1.26
CA HIS A 329 -18.29 -14.40 2.47
C HIS A 329 -18.27 -13.35 3.58
N TRP A 330 -17.13 -12.78 3.88
CA TRP A 330 -17.04 -11.85 5.01
C TRP A 330 -17.86 -10.59 4.76
N ALA A 331 -17.82 -10.11 3.52
CA ALA A 331 -18.58 -8.94 3.14
C ALA A 331 -20.08 -9.26 3.26
N LYS A 332 -20.50 -10.46 2.83
CA LYS A 332 -21.89 -10.86 2.91
C LYS A 332 -22.32 -10.85 4.39
N VAL A 333 -21.48 -11.38 5.25
CA VAL A 333 -21.89 -11.49 6.66
C VAL A 333 -22.05 -10.07 7.24
N VAL A 334 -21.06 -9.23 7.04
CA VAL A 334 -21.05 -7.94 7.72
C VAL A 334 -22.06 -6.98 7.05
N LEU A 335 -22.04 -6.90 5.72
CA LEU A 335 -22.73 -5.82 5.03
C LEU A 335 -24.22 -6.12 4.82
N THR A 336 -24.67 -7.35 5.02
CA THR A 336 -26.10 -7.63 4.89
C THR A 336 -26.82 -7.31 6.21
N ASP A 337 -26.07 -6.99 7.28
CA ASP A 337 -26.66 -6.50 8.52
C ASP A 337 -26.70 -4.98 8.49
N PRO A 338 -27.88 -4.38 8.38
CA PRO A 338 -27.90 -2.94 8.17
C PRO A 338 -27.25 -2.17 9.33
N GLU A 339 -27.30 -2.73 10.54
CA GLU A 339 -26.75 -2.05 11.70
C GLU A 339 -25.22 -2.00 11.65
N ALA A 340 -24.57 -2.99 11.05
CA ALA A 340 -23.12 -2.92 10.83
C ALA A 340 -22.80 -2.12 9.57
N ALA A 341 -23.59 -2.37 8.53
CA ALA A 341 -23.32 -1.81 7.21
C ALA A 341 -23.27 -0.27 7.27
N LYS A 342 -24.09 0.36 8.11
CA LYS A 342 -24.11 1.82 8.11
C LYS A 342 -22.81 2.39 8.67
N TYR A 343 -21.93 1.59 9.26
CA TYR A 343 -20.69 2.09 9.81
C TYR A 343 -19.49 1.76 8.92
N VAL A 344 -19.68 0.91 7.92
CA VAL A 344 -18.54 0.37 7.18
C VAL A 344 -18.38 1.14 5.87
N HIS A 345 -17.24 1.80 5.72
CA HIS A 345 -16.97 2.61 4.53
C HIS A 345 -16.33 1.78 3.43
N GLY A 346 -15.60 0.74 3.78
CA GLY A 346 -14.83 -0.01 2.77
C GLY A 346 -14.34 -1.33 3.32
N ILE A 347 -13.69 -2.07 2.44
CA ILE A 347 -13.17 -3.39 2.72
C ILE A 347 -11.69 -3.35 2.42
N ALA A 348 -10.88 -3.65 3.42
CA ALA A 348 -9.44 -3.68 3.27
C ALA A 348 -8.98 -5.10 2.99
N VAL A 349 -8.10 -5.27 1.98
CA VAL A 349 -7.63 -6.60 1.61
CA VAL A 349 -7.63 -6.59 1.58
C VAL A 349 -6.09 -6.62 1.66
N HIS A 350 -5.56 -7.77 2.08
CA HIS A 350 -4.11 -8.05 2.10
C HIS A 350 -3.75 -8.93 0.90
N TRP A 351 -2.58 -8.64 0.35
CA TRP A 351 -2.01 -9.36 -0.78
C TRP A 351 -0.70 -10.04 -0.38
N TYR A 352 -0.71 -11.36 -0.21
CA TYR A 352 0.53 -12.10 0.02
C TYR A 352 1.00 -12.59 -1.34
N LEU A 353 1.93 -11.83 -1.92
CA LEU A 353 2.24 -11.98 -3.31
C LEU A 353 2.95 -13.32 -3.58
N ASP A 354 3.47 -13.98 -2.56
CA ASP A 354 4.10 -15.30 -2.73
C ASP A 354 3.11 -16.43 -2.98
N PHE A 355 1.81 -16.17 -2.79
CA PHE A 355 0.83 -17.24 -2.78
C PHE A 355 -0.23 -16.95 -3.86
N LEU A 356 -0.81 -18.03 -4.35
CA LEU A 356 -1.85 -17.95 -5.36
C LEU A 356 -3.25 -17.88 -4.71
N ALA A 357 -4.10 -17.04 -5.29
CA ALA A 357 -5.52 -17.04 -4.90
C ALA A 357 -6.37 -16.42 -6.01
N PRO A 358 -7.62 -16.83 -6.13
CA PRO A 358 -8.46 -16.25 -7.18
C PRO A 358 -8.75 -14.76 -6.96
N ALA A 359 -8.86 -13.97 -8.04
CA ALA A 359 -9.19 -12.52 -7.96
C ALA A 359 -10.65 -12.30 -8.41
N LYS A 360 -11.06 -12.92 -9.50
CA LYS A 360 -12.42 -12.73 -9.99
C LYS A 360 -13.44 -13.24 -8.96
N ALA A 361 -13.23 -14.44 -8.39
CA ALA A 361 -14.20 -15.04 -7.49
C ALA A 361 -14.22 -14.33 -6.12
N THR A 362 -13.23 -13.53 -5.83
CA THR A 362 -13.10 -12.82 -4.52
C THR A 362 -13.43 -11.33 -4.70
N LEU A 363 -12.51 -10.57 -5.22
CA LEU A 363 -12.67 -9.11 -5.46
C LEU A 363 -13.79 -8.86 -6.47
N GLY A 364 -13.84 -9.66 -7.52
CA GLY A 364 -14.82 -9.43 -8.58
C GLY A 364 -16.23 -9.61 -8.04
N GLU A 365 -16.42 -10.73 -7.36
CA GLU A 365 -17.70 -11.03 -6.81
C GLU A 365 -18.07 -10.03 -5.72
N THR A 366 -17.12 -9.56 -4.95
CA THR A 366 -17.44 -8.62 -3.89
C THR A 366 -17.94 -7.29 -4.48
N HIS A 367 -17.29 -6.83 -5.51
CA HIS A 367 -17.71 -5.61 -6.19
C HIS A 367 -19.10 -5.77 -6.81
N ARG A 368 -19.39 -6.95 -7.36
CA ARG A 368 -20.69 -7.18 -7.98
C ARG A 368 -21.79 -7.12 -6.91
N LEU A 369 -21.56 -7.76 -5.77
CA LEU A 369 -22.57 -7.84 -4.71
C LEU A 369 -22.67 -6.52 -3.93
N PHE A 370 -21.57 -5.78 -3.77
CA PHE A 370 -21.53 -4.59 -2.91
C PHE A 370 -20.80 -3.47 -3.66
N PRO A 371 -21.37 -3.03 -4.78
CA PRO A 371 -20.62 -2.08 -5.61
C PRO A 371 -20.40 -0.70 -4.97
N ASN A 372 -21.16 -0.37 -3.93
CA ASN A 372 -21.05 0.94 -3.28
C ASN A 372 -20.07 0.92 -2.09
N THR A 373 -19.45 -0.22 -1.80
CA THR A 373 -18.50 -0.34 -0.71
C THR A 373 -17.10 -0.46 -1.33
N MET A 374 -16.26 0.53 -1.13
CA MET A 374 -14.98 0.54 -1.82
CA MET A 374 -14.97 0.56 -1.80
C MET A 374 -14.09 -0.59 -1.29
N LEU A 375 -13.26 -1.12 -2.19
CA LEU A 375 -12.22 -2.07 -1.89
C LEU A 375 -10.87 -1.34 -1.86
N PHE A 376 -10.05 -1.69 -0.90
CA PHE A 376 -8.77 -1.00 -0.69
C PHE A 376 -7.70 -2.03 -0.31
N ALA A 377 -6.53 -2.01 -0.92
CA ALA A 377 -5.48 -2.97 -0.58
C ALA A 377 -4.61 -2.32 0.49
N SER A 378 -4.63 -2.91 1.70
CA SER A 378 -4.03 -2.27 2.85
C SER A 378 -2.68 -2.86 3.20
N GLU A 379 -2.27 -3.96 2.60
CA GLU A 379 -0.97 -4.54 2.91
C GLU A 379 -0.61 -5.51 1.80
N ALA A 380 0.63 -5.46 1.38
CA ALA A 380 1.12 -6.42 0.42
C ALA A 380 2.57 -6.73 0.77
N CYS A 381 2.98 -7.94 0.54
CA CYS A 381 4.38 -8.24 0.76
C CYS A 381 4.79 -9.48 -0.03
N VAL A 382 6.11 -9.60 -0.17
CA VAL A 382 6.71 -10.72 -0.84
C VAL A 382 7.92 -11.19 0.01
N GLY A 383 8.37 -12.41 -0.20
CA GLY A 383 9.54 -12.95 0.47
C GLY A 383 9.23 -13.60 1.80
N SER A 384 7.95 -13.86 2.08
CA SER A 384 7.60 -14.35 3.41
C SER A 384 7.73 -15.89 3.54
N LYS A 385 7.85 -16.64 2.45
CA LYS A 385 8.03 -18.11 2.56
C LYS A 385 9.36 -18.41 3.26
N PHE A 386 9.36 -19.34 4.21
CA PHE A 386 10.59 -19.56 5.00
C PHE A 386 11.74 -20.00 4.10
N TRP A 387 11.46 -20.63 2.95
CA TRP A 387 12.48 -21.22 2.13
C TRP A 387 12.93 -20.30 1.00
N GLU A 388 12.41 -19.11 0.95
CA GLU A 388 12.90 -18.16 -0.02
C GLU A 388 13.67 -17.09 0.73
N GLN A 389 14.70 -16.59 0.08
CA GLN A 389 15.46 -15.51 0.62
C GLN A 389 14.54 -14.33 0.93
N SER A 390 14.56 -13.83 2.16
CA SER A 390 13.65 -12.76 2.54
C SER A 390 13.90 -11.52 1.69
N VAL A 391 15.17 -11.16 1.55
CA VAL A 391 15.58 -10.00 0.77
C VAL A 391 16.40 -10.48 -0.41
N ARG A 392 15.89 -10.26 -1.61
CA ARG A 392 16.63 -10.59 -2.82
C ARG A 392 17.00 -9.28 -3.52
N LEU A 393 18.20 -8.77 -3.27
CA LEU A 393 18.59 -7.45 -3.74
C LEU A 393 18.72 -7.43 -5.26
N GLY A 394 17.79 -6.71 -5.90
CA GLY A 394 17.79 -6.53 -7.33
C GLY A 394 16.86 -7.49 -8.05
N SER A 395 15.95 -8.16 -7.34
CA SER A 395 15.01 -9.08 -8.00
C SER A 395 14.00 -8.39 -8.92
N TRP A 396 14.16 -8.54 -10.21
CA TRP A 396 13.14 -8.03 -11.15
C TRP A 396 11.84 -8.80 -10.98
N ASP A 397 11.94 -10.09 -10.74
CA ASP A 397 10.70 -10.89 -10.59
C ASP A 397 9.83 -10.33 -9.47
N ARG A 398 10.42 -9.96 -8.34
CA ARG A 398 9.60 -9.42 -7.25
C ARG A 398 9.01 -8.04 -7.60
N GLY A 399 9.75 -7.28 -8.38
CA GLY A 399 9.22 -6.03 -8.90
C GLY A 399 7.98 -6.28 -9.75
N MET A 400 8.09 -7.23 -10.65
CA MET A 400 6.95 -7.58 -11.55
C MET A 400 5.77 -8.10 -10.72
N GLN A 401 6.04 -8.81 -9.62
CA GLN A 401 4.94 -9.22 -8.73
C GLN A 401 4.20 -8.01 -8.20
N TYR A 402 4.91 -6.96 -7.79
CA TYR A 402 4.32 -5.74 -7.25
C TYR A 402 3.46 -5.09 -8.34
N SER A 403 4.02 -4.85 -9.53
CA SER A 403 3.28 -4.08 -10.51
C SER A 403 2.12 -4.91 -11.07
N HIS A 404 2.32 -6.20 -11.25
CA HIS A 404 1.24 -7.05 -11.74
C HIS A 404 0.11 -7.03 -10.70
N SER A 405 0.45 -7.07 -9.40
CA SER A 405 -0.60 -7.05 -8.38
CA SER A 405 -0.58 -7.03 -8.34
C SER A 405 -1.35 -5.71 -8.37
N ILE A 406 -0.64 -4.62 -8.52
CA ILE A 406 -1.24 -3.33 -8.55
C ILE A 406 -2.20 -3.23 -9.74
N ILE A 407 -1.76 -3.66 -10.93
CA ILE A 407 -2.63 -3.61 -12.13
C ILE A 407 -3.88 -4.45 -11.89
N THR A 408 -3.69 -5.65 -11.37
CA THR A 408 -4.79 -6.57 -11.10
C THR A 408 -5.75 -5.93 -10.10
N ASN A 409 -5.23 -5.35 -9.04
CA ASN A 409 -6.09 -4.64 -8.08
C ASN A 409 -6.89 -3.52 -8.76
N LEU A 410 -6.23 -2.69 -9.54
CA LEU A 410 -6.96 -1.61 -10.19
C LEU A 410 -8.02 -2.12 -11.17
N LEU A 411 -7.79 -3.23 -11.86
CA LEU A 411 -8.75 -3.72 -12.83
C LEU A 411 -9.93 -4.38 -12.13
N TYR A 412 -9.75 -4.68 -10.83
CA TYR A 412 -10.83 -5.22 -10.01
C TYR A 412 -11.40 -4.14 -9.08
N HIS A 413 -11.27 -2.87 -9.44
CA HIS A 413 -12.01 -1.75 -8.83
C HIS A 413 -11.40 -1.29 -7.51
N VAL A 414 -10.23 -1.80 -7.15
CA VAL A 414 -9.63 -1.42 -5.86
C VAL A 414 -9.11 0.02 -5.95
N VAL A 415 -9.28 0.78 -4.87
CA VAL A 415 -9.08 2.27 -4.92
C VAL A 415 -7.68 2.68 -4.44
N GLY A 416 -6.90 1.74 -3.93
CA GLY A 416 -5.58 2.14 -3.42
C GLY A 416 -4.77 0.91 -3.07
N TRP A 417 -3.49 1.14 -2.83
CA TRP A 417 -2.58 0.00 -2.63
CA TRP A 417 -2.59 0.05 -2.63
C TRP A 417 -1.49 0.47 -1.66
N THR A 418 -1.37 -0.31 -0.61
CA THR A 418 -0.45 -0.02 0.47
C THR A 418 0.56 -1.15 0.66
N ASP A 419 1.84 -0.84 0.52
CA ASP A 419 2.89 -1.76 0.82
C ASP A 419 2.96 -1.96 2.32
N TRP A 420 3.68 -2.99 2.68
CA TRP A 420 4.01 -3.26 4.09
C TRP A 420 5.22 -2.39 4.49
N ASN A 421 6.16 -2.96 5.22
CA ASN A 421 7.25 -2.13 5.81
C ASN A 421 7.92 -1.18 4.81
N LEU A 422 8.02 0.11 5.15
CA LEU A 422 8.69 1.08 4.24
C LEU A 422 10.17 0.76 4.07
N ALA A 423 10.80 0.17 5.05
CA ALA A 423 12.23 -0.16 4.93
C ALA A 423 12.54 -1.33 5.86
N LEU A 424 13.41 -2.21 5.42
CA LEU A 424 13.93 -3.28 6.28
C LEU A 424 15.44 -3.39 6.16
N ASN A 425 16.02 -4.18 7.05
CA ASN A 425 17.46 -4.46 7.02
C ASN A 425 17.74 -5.60 6.03
N PRO A 426 19.00 -5.94 5.78
CA PRO A 426 19.27 -6.99 4.77
C PRO A 426 18.77 -8.41 5.07
N GLU A 427 18.40 -8.65 6.33
CA GLU A 427 17.80 -9.92 6.76
C GLU A 427 16.27 -9.87 6.55
N GLY A 428 15.71 -8.70 6.28
CA GLY A 428 14.25 -8.54 6.18
C GLY A 428 13.62 -8.28 7.53
N GLY A 429 14.39 -7.70 8.46
CA GLY A 429 13.89 -7.39 9.78
C GLY A 429 14.19 -5.97 10.22
N PRO A 430 14.16 -5.72 11.54
CA PRO A 430 13.96 -6.70 12.62
C PRO A 430 12.50 -7.14 12.75
N ASN A 431 12.34 -8.28 13.44
CA ASN A 431 11.04 -8.92 13.62
C ASN A 431 11.17 -9.88 14.81
N TRP A 432 10.38 -9.70 15.87
CA TRP A 432 10.65 -10.42 17.10
C TRP A 432 10.37 -11.93 16.97
N VAL A 433 9.64 -12.37 15.95
CA VAL A 433 9.46 -13.82 15.71
C VAL A 433 10.20 -14.27 14.47
N ARG A 434 11.10 -13.43 13.98
CA ARG A 434 11.94 -13.76 12.81
C ARG A 434 11.08 -14.05 11.57
N ASN A 435 9.92 -13.41 11.46
CA ASN A 435 9.05 -13.51 10.30
C ASN A 435 9.51 -12.52 9.22
N PHE A 436 10.71 -12.72 8.69
CA PHE A 436 11.34 -11.75 7.81
C PHE A 436 10.72 -11.76 6.40
N VAL A 437 10.72 -10.59 5.75
CA VAL A 437 10.15 -10.44 4.37
C VAL A 437 10.99 -9.42 3.60
N ASP A 438 10.66 -9.16 2.35
CA ASP A 438 11.39 -8.17 1.55
C ASP A 438 10.71 -6.79 1.73
N SER A 439 11.40 -5.75 1.28
CA SER A 439 10.90 -4.34 1.31
C SER A 439 11.46 -3.60 0.11
N PRO A 440 10.74 -2.60 -0.39
CA PRO A 440 11.28 -1.81 -1.50
C PRO A 440 12.58 -1.06 -1.20
N ILE A 441 12.82 -0.76 0.08
CA ILE A 441 14.09 -0.12 0.48
C ILE A 441 14.74 -0.96 1.57
N ILE A 442 16.00 -1.28 1.35
CA ILE A 442 16.80 -2.10 2.26
C ILE A 442 17.93 -1.23 2.81
N VAL A 443 18.01 -1.14 4.13
CA VAL A 443 19.01 -0.29 4.80
CA VAL A 443 19.00 -0.29 4.81
C VAL A 443 20.20 -1.13 5.24
N ASP A 444 21.39 -0.62 4.93
CA ASP A 444 22.66 -1.26 5.37
C ASP A 444 23.44 -0.28 6.21
N ILE A 445 23.24 -0.36 7.52
CA ILE A 445 23.75 0.66 8.44
C ILE A 445 25.28 0.62 8.50
N THR A 446 25.92 -0.52 8.20
CA THR A 446 27.37 -0.62 8.29
C THR A 446 28.01 0.20 7.19
N LYS A 447 27.29 0.53 6.13
CA LYS A 447 27.78 1.38 5.04
C LYS A 447 27.05 2.72 4.98
N ASP A 448 26.16 2.99 5.93
CA ASP A 448 25.25 4.14 5.89
C ASP A 448 24.66 4.32 4.50
N THR A 449 24.13 3.20 3.99
CA THR A 449 23.64 3.08 2.63
CA THR A 449 23.62 3.10 2.63
C THR A 449 22.23 2.50 2.66
N PHE A 450 21.42 2.82 1.67
CA PHE A 450 20.20 2.10 1.45
C PHE A 450 20.08 1.78 -0.03
N TYR A 451 19.38 0.68 -0.30
CA TYR A 451 19.22 0.16 -1.65
C TYR A 451 17.75 0.22 -2.04
N LYS A 452 17.48 0.80 -3.20
CA LYS A 452 16.13 0.85 -3.77
C LYS A 452 15.99 -0.35 -4.73
N GLN A 453 15.06 -1.22 -4.35
CA GLN A 453 14.80 -2.48 -5.05
C GLN A 453 13.96 -2.21 -6.30
N PRO A 454 13.99 -3.14 -7.28
CA PRO A 454 13.01 -3.07 -8.38
C PRO A 454 11.58 -2.82 -7.88
N MET A 455 11.22 -3.46 -6.77
CA MET A 455 9.88 -3.20 -6.20
C MET A 455 9.58 -1.70 -6.01
N PHE A 456 10.57 -0.93 -5.57
CA PHE A 456 10.39 0.51 -5.37
C PHE A 456 9.92 1.17 -6.67
N TYR A 457 10.61 0.86 -7.75
CA TYR A 457 10.33 1.51 -9.05
C TYR A 457 9.01 0.98 -9.62
N HIS A 458 8.77 -0.32 -9.47
CA HIS A 458 7.48 -0.89 -9.95
C HIS A 458 6.33 -0.20 -9.23
N LEU A 459 6.44 0.01 -7.91
CA LEU A 459 5.36 0.74 -7.19
C LEU A 459 5.30 2.20 -7.70
N GLY A 460 6.47 2.80 -7.87
CA GLY A 460 6.55 4.21 -8.26
C GLY A 460 5.94 4.54 -9.63
N HIS A 461 5.97 3.59 -10.54
CA HIS A 461 5.32 3.73 -11.86
C HIS A 461 3.82 3.99 -11.70
N PHE A 462 3.23 3.66 -10.54
CA PHE A 462 1.86 3.98 -10.24
C PHE A 462 1.82 5.19 -9.30
N SER A 463 2.50 5.10 -8.16
CA SER A 463 2.31 6.12 -7.11
C SER A 463 2.66 7.53 -7.58
N LYS A 464 3.74 7.64 -8.37
CA LYS A 464 4.23 8.93 -8.75
C LYS A 464 3.28 9.64 -9.71
N PHE A 465 2.54 8.83 -10.49
CA PHE A 465 1.84 9.33 -11.67
C PHE A 465 0.33 9.27 -11.53
N ILE A 466 -0.19 8.84 -10.39
CA ILE A 466 -1.61 8.68 -10.17
C ILE A 466 -2.00 9.42 -8.89
N PRO A 467 -2.31 10.69 -9.03
CA PRO A 467 -2.71 11.47 -7.87
C PRO A 467 -4.07 11.03 -7.29
N GLU A 468 -4.25 11.30 -6.02
CA GLU A 468 -5.54 11.04 -5.36
C GLU A 468 -6.65 11.73 -6.16
N GLY A 469 -7.74 10.97 -6.37
CA GLY A 469 -8.87 11.49 -7.13
C GLY A 469 -8.82 11.16 -8.62
N SER A 470 -7.72 10.57 -9.09
CA SER A 470 -7.68 10.04 -10.45
C SER A 470 -8.75 8.97 -10.60
N GLN A 471 -9.26 8.83 -11.81
CA GLN A 471 -10.27 7.82 -12.03
C GLN A 471 -9.80 6.85 -13.08
N ARG A 472 -9.92 5.57 -12.80
CA ARG A 472 -9.58 4.59 -13.78
C ARG A 472 -10.57 4.68 -14.95
N VAL A 473 -10.04 4.54 -16.16
CA VAL A 473 -10.89 4.52 -17.35
C VAL A 473 -10.56 3.27 -18.17
N GLY A 474 -11.37 2.99 -19.18
CA GLY A 474 -11.17 1.83 -20.00
C GLY A 474 -10.00 1.95 -20.94
N LEU A 475 -9.51 0.79 -21.33
CA LEU A 475 -8.38 0.68 -22.28
C LEU A 475 -8.57 -0.65 -23.01
N VAL A 476 -8.90 -0.57 -24.29
CA VAL A 476 -9.33 -1.73 -25.07
C VAL A 476 -8.25 -2.16 -26.05
N ALA A 477 -7.85 -3.42 -25.98
CA ALA A 477 -6.82 -4.00 -26.90
C ALA A 477 -7.48 -4.47 -28.19
N SER A 478 -6.82 -4.20 -29.31
CA SER A 478 -7.33 -4.58 -30.63
C SER A 478 -7.11 -6.07 -30.90
N GLN A 479 -6.17 -6.72 -30.20
CA GLN A 479 -5.86 -8.12 -30.40
C GLN A 479 -5.31 -8.69 -29.10
N LYS A 480 -5.36 -10.01 -29.00
CA LYS A 480 -4.79 -10.71 -27.85
C LYS A 480 -3.30 -10.36 -27.75
N ASN A 481 -2.79 -10.29 -26.52
CA ASN A 481 -1.43 -9.84 -26.28
C ASN A 481 -1.01 -10.25 -24.86
N ASP A 482 0.28 -10.18 -24.60
CA ASP A 482 0.85 -10.63 -23.34
C ASP A 482 1.06 -9.49 -22.32
N LEU A 483 0.62 -8.27 -22.64
CA LEU A 483 0.89 -7.12 -21.76
C LEU A 483 -0.17 -7.02 -20.65
N ASP A 484 0.20 -6.33 -19.59
CA ASP A 484 -0.72 -5.95 -18.52
C ASP A 484 -0.75 -4.44 -18.58
N ALA A 485 -1.93 -3.84 -18.57
CA ALA A 485 -2.03 -2.39 -18.72
C ALA A 485 -3.24 -1.83 -18.00
N VAL A 486 -3.14 -0.57 -17.62
CA VAL A 486 -4.24 0.14 -16.97
C VAL A 486 -4.15 1.61 -17.38
N ALA A 487 -5.28 2.26 -17.52
CA ALA A 487 -5.36 3.68 -17.87
C ALA A 487 -6.18 4.43 -16.84
N LEU A 488 -5.77 5.64 -16.55
CA LEU A 488 -6.52 6.50 -15.62
C LEU A 488 -6.47 7.95 -16.12
N MET A 489 -7.40 8.72 -15.60
CA MET A 489 -7.49 10.14 -15.89
C MET A 489 -7.26 10.91 -14.59
N HIS A 490 -6.34 11.85 -14.62
CA HIS A 490 -6.11 12.71 -13.45
C HIS A 490 -7.33 13.61 -13.20
N PRO A 491 -7.43 14.16 -11.97
CA PRO A 491 -8.49 15.14 -11.73
C PRO A 491 -8.52 16.32 -12.71
N ASP A 492 -7.37 16.72 -13.24
CA ASP A 492 -7.31 17.83 -14.19
C ASP A 492 -7.54 17.38 -15.65
N GLY A 493 -7.86 16.11 -15.84
CA GLY A 493 -8.21 15.59 -17.16
C GLY A 493 -7.04 14.93 -17.89
N SER A 494 -5.84 15.00 -17.37
CA SER A 494 -4.68 14.45 -18.06
C SER A 494 -4.72 12.91 -18.04
N ALA A 495 -4.04 12.26 -18.99
CA ALA A 495 -4.09 10.82 -19.11
C ALA A 495 -2.78 10.20 -18.59
N VAL A 496 -2.91 9.04 -17.99
CA VAL A 496 -1.81 8.21 -17.56
C VAL A 496 -2.13 6.76 -17.94
N VAL A 497 -1.15 6.09 -18.54
CA VAL A 497 -1.26 4.69 -18.87
C VAL A 497 -0.01 3.95 -18.39
N VAL A 498 -0.18 2.84 -17.70
CA VAL A 498 0.92 2.00 -17.25
C VAL A 498 0.87 0.71 -18.05
N VAL A 499 2.01 0.31 -18.59
CA VAL A 499 2.14 -0.90 -19.40
C VAL A 499 3.30 -1.74 -18.87
N LEU A 500 2.98 -2.95 -18.43
CA LEU A 500 3.93 -3.94 -17.91
C LEU A 500 4.07 -5.09 -18.91
N ASN A 501 5.32 -5.44 -19.24
CA ASN A 501 5.61 -6.56 -20.07
C ASN A 501 6.40 -7.58 -19.26
N ARG A 502 5.76 -8.66 -18.85
CA ARG A 502 6.41 -9.72 -18.08
C ARG A 502 7.03 -10.77 -19.00
N SER A 503 6.90 -10.63 -20.33
CA SER A 503 7.49 -11.55 -21.31
C SER A 503 8.88 -11.05 -21.75
N SER A 504 9.58 -11.93 -22.44
CA SER A 504 10.91 -11.64 -22.92
C SER A 504 10.86 -10.91 -24.28
N LYS A 505 9.68 -10.79 -24.89
CA LYS A 505 9.56 -10.27 -26.25
C LYS A 505 9.21 -8.78 -26.27
N ASP A 506 9.88 -8.02 -27.11
CA ASP A 506 9.50 -6.62 -27.34
C ASP A 506 8.20 -6.58 -28.13
N VAL A 507 7.25 -5.77 -27.70
CA VAL A 507 5.93 -5.69 -28.32
C VAL A 507 5.73 -4.26 -28.81
N PRO A 508 5.77 -4.04 -30.12
CA PRO A 508 5.45 -2.74 -30.71
C PRO A 508 3.96 -2.49 -30.40
N LEU A 509 3.63 -1.27 -30.06
CA LEU A 509 2.21 -0.99 -29.89
C LEU A 509 1.91 0.49 -30.07
N THR A 510 0.62 0.75 -30.26
CA THR A 510 0.16 2.08 -30.42
C THR A 510 -0.93 2.32 -29.37
N ILE A 511 -0.88 3.47 -28.72
CA ILE A 511 -1.98 3.87 -27.84
C ILE A 511 -2.79 4.93 -28.57
N LYS A 512 -4.10 4.75 -28.66
CA LYS A 512 -4.95 5.71 -29.31
C LYS A 512 -5.77 6.46 -28.23
N ASP A 513 -5.68 7.78 -28.24
CA ASP A 513 -6.57 8.59 -27.43
C ASP A 513 -7.50 9.22 -28.43
N PRO A 514 -8.78 8.80 -28.43
CA PRO A 514 -9.66 9.19 -29.50
C PRO A 514 -9.80 10.71 -29.63
N ALA A 515 -9.62 11.47 -28.54
CA ALA A 515 -9.72 12.94 -28.61
C ALA A 515 -8.41 13.58 -29.09
N VAL A 516 -7.28 12.88 -29.04
CA VAL A 516 -5.97 13.54 -29.01
C VAL A 516 -5.06 13.01 -30.14
N GLY A 517 -5.06 11.71 -30.40
CA GLY A 517 -4.22 11.13 -31.47
C GLY A 517 -3.55 9.85 -30.99
N PHE A 518 -2.42 9.52 -31.61
CA PHE A 518 -1.78 8.22 -31.45
C PHE A 518 -0.36 8.32 -30.86
N LEU A 519 -0.04 7.46 -29.93
CA LEU A 519 1.28 7.31 -29.33
C LEU A 519 1.90 6.03 -29.91
N GLU A 520 2.93 6.15 -30.74
CA GLU A 520 3.60 4.98 -31.33
C GLU A 520 4.73 4.64 -30.38
N THR A 521 4.78 3.39 -29.91
CA THR A 521 5.79 3.02 -28.94
C THR A 521 6.12 1.53 -29.04
N ILE A 522 6.90 1.05 -28.08
CA ILE A 522 7.27 -0.35 -27.93
C ILE A 522 7.20 -0.62 -26.43
N SER A 523 6.71 -1.79 -26.07
CA SER A 523 6.85 -2.32 -24.73
C SER A 523 7.98 -3.36 -24.78
N PRO A 524 9.20 -2.97 -24.36
CA PRO A 524 10.31 -3.94 -24.38
C PRO A 524 10.08 -5.13 -23.45
N GLY A 525 10.63 -6.28 -23.80
CA GLY A 525 10.59 -7.41 -22.87
C GLY A 525 11.13 -7.02 -21.49
N TYR A 526 10.48 -7.52 -20.44
CA TYR A 526 10.88 -7.28 -19.05
C TYR A 526 11.03 -5.78 -18.77
N SER A 527 9.96 -5.03 -19.07
CA SER A 527 9.93 -3.59 -18.84
C SER A 527 8.62 -3.20 -18.19
N ILE A 528 8.64 -1.98 -17.70
CA ILE A 528 7.42 -1.32 -17.27
C ILE A 528 7.55 0.14 -17.72
N HIS A 529 6.48 0.66 -18.30
CA HIS A 529 6.42 2.03 -18.78
C HIS A 529 5.23 2.75 -18.15
N THR A 530 5.39 4.02 -17.84
CA THR A 530 4.27 4.89 -17.57
C THR A 530 4.26 6.01 -18.61
N TYR A 531 3.10 6.21 -19.26
CA TYR A 531 2.88 7.27 -20.27
C TYR A 531 2.00 8.34 -19.66
N LEU A 532 2.33 9.61 -19.91
CA LEU A 532 1.51 10.72 -19.43
C LEU A 532 1.33 11.74 -20.55
N TRP A 533 0.15 12.30 -20.70
CA TRP A 533 -0.03 13.40 -21.63
C TRP A 533 -1.22 14.29 -21.24
N ARG A 534 -1.14 15.53 -21.68
CA ARG A 534 -2.28 16.43 -21.61
C ARG A 534 -3.31 16.09 -22.68
N ARG A 535 -4.58 16.31 -22.35
CA ARG A 535 -5.69 16.03 -23.28
C ARG A 535 -6.41 17.34 -23.63
N GLN A 536 -6.19 17.84 -24.85
CA GLN A 536 -6.87 19.04 -25.37
C GLN A 536 -8.34 18.68 -25.64
N HIS A 537 -9.22 19.66 -25.44
CA HIS A 537 -10.65 19.46 -25.68
C HIS A 537 -10.89 19.41 -27.20
#